data_3FUI
#
_entry.id   3FUI
#
_cell.length_a   78.221
_cell.length_b   86.972
_cell.length_c   99.408
_cell.angle_alpha   90.00
_cell.angle_beta   90.00
_cell.angle_gamma   90.00
#
_symmetry.space_group_name_H-M   'P 21 21 21'
#
loop_
_entity.id
_entity.type
_entity.pdbx_description
1 polymer 'Leukotriene A-4 hydrolase'
2 non-polymer 'YTTERBIUM (III) ION'
3 non-polymer 'ZINC ION'
4 non-polymer N-benzyl-4-[(2R)-pyrrolidin-2-ylmethoxy]aniline
5 non-polymer IMIDAZOLE
6 water water
#
_entity_poly.entity_id   1
_entity_poly.type   'polypeptide(L)'
_entity_poly.pdbx_seq_one_letter_code
;MPEIVDTCSLASPASVCRTKHLHLRCSVDFTRRTLTGTAALTVQSQEDNLRSLVLDTKDLTIEKVVINGQEVKYALGERQ
SYKGSPMEISLPIALSKNQEIVIEISFETSPKSSALQWLTPEQTSGKEHPYLFSQCQAIHCRAILPCQDTPSVKLTYTAE
VSVPKELVALMSAIRDGETPDPEDPSRKIYKFIQKVPIPCYLIALVVGALESRQIGPRTLVWSEKEQVEKSAYEFSETES
MLKIAEDLGGPYVWGQYDLLVLPPSFPYGGMENPCLTFVTPTLLAGDKSLSNVIAHEISHSWTGNLVTNKTWDHFWLNEG
HTVYLERHICGRLFGEKFRHFNALGGWGELQNSVKTFGETHPFTKLVVDLTDIDPDVAYSSVPYEKGFALLFYLEQLLGG
PEIFLGFLKAYVEKFSYKSITTDDWKDFLYSYFKDKVDVLNQVDWNAWLYSPGLPPIKPNYDMTLTNACIALSQRWITAK
EDDLNSFNATDLKDLSSHQLNEFLAQTLQRAPLPLGHIKRMQEVYNFNAINNSEIRFRWLRLCIQSKWEDAIPLALKMAT
EQGRMKFTRPLFKDLAAFDKSHDQAVRTYQEHKASMHPVTAMLVGKDLKVD
;
_entity_poly.pdbx_strand_id   A
#
# COMPACT_ATOMS: atom_id res chain seq x y z
N ASP A 6 -5.95 -3.08 20.38
CA ASP A 6 -5.28 -3.49 19.10
C ASP A 6 -4.99 -4.99 18.99
N THR A 7 -5.94 -5.70 18.36
CA THR A 7 -5.88 -7.16 18.29
C THR A 7 -4.77 -7.76 17.41
N CYS A 8 -4.04 -6.91 16.69
CA CYS A 8 -2.96 -7.40 15.84
C CYS A 8 -1.59 -7.22 16.54
N SER A 9 -1.57 -6.59 17.71
CA SER A 9 -0.33 -6.34 18.43
C SER A 9 -0.30 -7.07 19.76
N LEU A 10 0.90 -7.48 20.17
CA LEU A 10 1.14 -8.18 21.41
C LEU A 10 1.84 -7.22 22.39
N ALA A 11 2.26 -6.06 21.89
CA ALA A 11 2.88 -5.05 22.74
C ALA A 11 1.94 -4.46 23.81
N SER A 12 2.55 -3.81 24.80
CA SER A 12 1.82 -2.97 25.77
C SER A 12 1.09 -1.91 25.00
N PRO A 13 -0.21 -1.75 25.26
CA PRO A 13 -0.99 -0.70 24.61
C PRO A 13 -0.59 0.73 25.09
N ALA A 14 -1.04 1.73 24.33
CA ALA A 14 -0.71 3.11 24.57
C ALA A 14 -1.33 3.60 25.91
N SER A 15 -2.28 2.84 26.45
CA SER A 15 -2.79 3.17 27.76
C SER A 15 -1.73 2.87 28.84
N VAL A 16 -0.79 1.97 28.56
CA VAL A 16 0.23 1.53 29.53
C VAL A 16 1.54 2.35 29.42
N CYS A 17 2.08 2.43 28.20
CA CYS A 17 3.26 3.23 27.93
C CYS A 17 3.26 3.55 26.44
N ARG A 18 3.94 4.63 26.04
CA ARG A 18 4.11 4.88 24.64
C ARG A 18 5.50 5.30 24.21
N THR A 19 5.90 4.77 23.07
CA THR A 19 7.16 5.16 22.42
C THR A 19 7.01 6.59 21.85
N LYS A 20 7.98 7.46 22.18
CA LYS A 20 8.02 8.83 21.69
C LYS A 20 9.09 8.97 20.61
N HIS A 21 10.11 8.14 20.66
CA HIS A 21 11.25 8.27 19.76
C HIS A 21 12.03 6.97 19.60
N LEU A 22 12.54 6.77 18.39
CA LEU A 22 13.41 5.68 18.07
C LEU A 22 14.69 6.24 17.54
N HIS A 23 15.79 5.83 18.14
CA HIS A 23 17.02 6.00 17.45
C HIS A 23 17.51 4.63 16.98
N LEU A 24 17.62 4.47 15.67
CA LEU A 24 18.09 3.23 15.08
C LEU A 24 19.54 3.39 14.55
N ARG A 25 20.46 2.55 15.04
CA ARG A 25 21.78 2.46 14.42
C ARG A 25 21.92 1.04 13.95
N CYS A 26 22.12 0.85 12.65
CA CYS A 26 22.21 -0.50 12.12
C CYS A 26 23.16 -0.63 10.93
N SER A 27 23.51 -1.86 10.62
CA SER A 27 24.36 -2.16 9.49
C SER A 27 23.62 -3.19 8.65
N VAL A 28 23.59 -2.94 7.33
CA VAL A 28 22.89 -3.81 6.39
C VAL A 28 23.88 -4.80 5.77
N ASP A 29 23.78 -6.06 6.20
CA ASP A 29 24.72 -7.10 5.80
C ASP A 29 24.16 -8.03 4.70
N PHE A 30 24.56 -7.73 3.45
CA PHE A 30 24.10 -8.47 2.26
C PHE A 30 24.63 -9.90 2.17
N THR A 31 25.79 -10.17 2.79
CA THR A 31 26.37 -11.51 2.79
C THR A 31 25.54 -12.42 3.70
N ARG A 32 24.96 -11.87 4.76
CA ARG A 32 24.17 -12.70 5.69
C ARG A 32 22.66 -12.45 5.57
N ARG A 33 22.31 -11.47 4.74
CA ARG A 33 20.93 -10.95 4.64
C ARG A 33 20.34 -10.66 6.02
N THR A 34 21.12 -9.93 6.81
CA THR A 34 20.70 -9.49 8.12
C THR A 34 20.92 -8.00 8.28
N LEU A 35 20.02 -7.38 9.03
CA LEU A 35 20.21 -6.06 9.53
C LEU A 35 20.53 -6.24 11.03
N THR A 36 21.64 -5.64 11.48
CA THR A 36 22.13 -5.80 12.84
C THR A 36 22.31 -4.43 13.47
N GLY A 37 21.86 -4.27 14.71
CA GLY A 37 22.13 -3.01 15.38
C GLY A 37 21.39 -2.82 16.68
N THR A 38 21.14 -1.56 17.00
CA THR A 38 20.48 -1.17 18.22
C THR A 38 19.31 -0.25 17.90
N ALA A 39 18.20 -0.50 18.59
CA ALA A 39 17.04 0.35 18.57
C ALA A 39 16.94 0.95 19.99
N ALA A 40 17.19 2.25 20.12
CA ALA A 40 17.00 2.93 21.39
C ALA A 40 15.61 3.56 21.39
N LEU A 41 14.69 2.94 22.11
CA LEU A 41 13.32 3.43 22.22
C LEU A 41 13.17 4.33 23.44
N THR A 42 12.83 5.60 23.21
CA THR A 42 12.53 6.50 24.30
C THR A 42 11.08 6.23 24.64
N VAL A 43 10.82 5.62 25.78
CA VAL A 43 9.46 5.23 26.15
C VAL A 43 8.92 6.08 27.33
N GLN A 44 7.66 6.49 27.25
CA GLN A 44 7.05 7.23 28.33
C GLN A 44 5.98 6.39 29.06
N SER A 45 6.12 6.17 30.37
CA SER A 45 5.06 5.50 31.14
C SER A 45 3.76 6.26 31.12
N GLN A 46 2.63 5.55 31.01
CA GLN A 46 1.31 6.17 31.11
C GLN A 46 0.64 5.73 32.42
N GLU A 47 1.40 4.99 33.24
CA GLU A 47 0.90 4.41 34.48
C GLU A 47 1.87 4.66 35.64
N ASP A 48 1.29 4.78 36.81
CA ASP A 48 2.03 4.69 38.05
C ASP A 48 2.72 3.35 38.28
N ASN A 49 3.95 3.38 38.79
CA ASN A 49 4.65 2.16 39.21
C ASN A 49 4.74 1.09 38.11
N LEU A 50 5.06 1.54 36.90
CA LEU A 50 5.32 0.61 35.80
C LEU A 50 6.67 -0.09 35.97
N ARG A 51 6.69 -1.42 35.87
CA ARG A 51 7.88 -2.21 36.16
C ARG A 51 8.26 -3.16 35.01
N SER A 52 7.37 -3.32 34.04
CA SER A 52 7.72 -4.05 32.84
C SER A 52 6.96 -3.46 31.66
N LEU A 53 7.45 -3.72 30.46
CA LEU A 53 6.65 -3.45 29.28
C LEU A 53 6.85 -4.54 28.21
N VAL A 54 5.91 -4.64 27.27
CA VAL A 54 5.97 -5.70 26.25
C VAL A 54 6.11 -5.11 24.82
N LEU A 55 7.06 -5.66 24.06
CA LEU A 55 7.28 -5.25 22.67
C LEU A 55 6.84 -6.35 21.66
N ASP A 56 6.56 -5.94 20.42
CA ASP A 56 6.34 -6.88 19.34
C ASP A 56 7.70 -7.24 18.73
N THR A 57 7.88 -8.51 18.41
CA THR A 57 9.01 -8.93 17.60
C THR A 57 8.52 -10.02 16.68
N LYS A 58 9.28 -10.27 15.63
CA LYS A 58 9.01 -11.34 14.67
C LYS A 58 10.31 -11.76 14.05
N ASP A 59 10.78 -12.94 14.42
CA ASP A 59 12.01 -13.55 13.86
C ASP A 59 13.24 -12.70 14.12
N LEU A 60 13.25 -11.99 15.24
CA LEU A 60 14.44 -11.22 15.64
C LEU A 60 15.32 -12.03 16.60
N THR A 61 16.61 -11.76 16.58
CA THR A 61 17.52 -12.33 17.55
C THR A 61 17.93 -11.20 18.49
N ILE A 62 17.66 -11.38 19.78
CA ILE A 62 17.95 -10.33 20.74
C ILE A 62 19.27 -10.67 21.39
N GLU A 63 20.21 -9.74 21.30
CA GLU A 63 21.49 -9.90 21.96
C GLU A 63 21.43 -9.44 23.42
N LYS A 64 20.78 -8.31 23.69
CA LYS A 64 20.77 -7.73 25.03
C LYS A 64 19.88 -6.49 25.08
N VAL A 65 19.41 -6.18 26.29
CA VAL A 65 18.61 -4.99 26.51
C VAL A 65 19.32 -4.16 27.59
N VAL A 66 19.65 -2.93 27.24
CA VAL A 66 20.39 -2.04 28.12
C VAL A 66 19.55 -0.83 28.56
N ILE A 67 19.39 -0.66 29.89
CA ILE A 67 18.81 0.57 30.46
C ILE A 67 19.72 1.18 31.52
N ASN A 68 19.94 2.48 31.46
CA ASN A 68 20.85 3.20 32.37
C ASN A 68 22.21 2.56 32.40
N GLY A 69 22.69 2.11 31.25
CA GLY A 69 24.05 1.59 31.15
C GLY A 69 24.25 0.17 31.65
N GLN A 70 23.20 -0.52 32.05
CA GLN A 70 23.34 -1.91 32.52
C GLN A 70 22.38 -2.84 31.75
N GLU A 71 22.76 -4.09 31.51
CA GLU A 71 21.85 -5.08 30.92
C GLU A 71 20.73 -5.49 31.85
N VAL A 72 19.58 -5.83 31.28
CA VAL A 72 18.43 -6.09 32.10
C VAL A 72 17.76 -7.34 31.62
N LYS A 73 16.85 -7.85 32.45
CA LYS A 73 16.07 -9.02 32.11
C LYS A 73 15.03 -8.76 31.01
N TYR A 74 14.94 -9.70 30.08
CA TYR A 74 13.86 -9.70 29.13
C TYR A 74 13.54 -11.16 28.83
N ALA A 75 12.33 -11.42 28.37
CA ALA A 75 11.98 -12.77 27.94
C ALA A 75 11.17 -12.67 26.64
N LEU A 76 11.42 -13.62 25.75
CA LEU A 76 10.60 -13.83 24.57
C LEU A 76 9.58 -14.95 24.80
N GLY A 77 8.29 -14.61 24.62
CA GLY A 77 7.22 -15.59 24.72
C GLY A 77 7.14 -16.42 23.44
N GLU A 78 6.17 -17.33 23.42
CA GLU A 78 6.00 -18.23 22.30
C GLU A 78 5.51 -17.50 21.08
N ARG A 79 5.91 -17.96 19.90
CA ARG A 79 5.43 -17.37 18.67
C ARG A 79 3.92 -17.53 18.51
N GLN A 80 3.23 -16.43 18.23
CA GLN A 80 1.80 -16.48 17.94
C GLN A 80 1.54 -16.23 16.47
N SER A 81 2.07 -17.11 15.64
CA SER A 81 1.80 -17.10 14.22
C SER A 81 2.32 -15.81 13.56
N TYR A 82 1.48 -15.22 12.72
CA TYR A 82 1.82 -13.99 11.95
C TYR A 82 2.00 -12.77 12.86
N LYS A 83 1.66 -12.90 14.14
CA LYS A 83 1.89 -11.83 15.12
C LYS A 83 3.30 -11.78 15.68
N GLY A 84 4.03 -12.89 15.52
CA GLY A 84 5.39 -13.00 16.06
C GLY A 84 5.38 -13.34 17.53
N SER A 85 6.46 -12.96 18.20
CA SER A 85 6.68 -13.30 19.59
C SER A 85 6.78 -12.03 20.46
N PRO A 86 6.03 -11.99 21.58
CA PRO A 86 6.10 -10.86 22.50
C PRO A 86 7.37 -10.87 23.34
N MET A 87 7.95 -9.70 23.55
CA MET A 87 9.17 -9.54 24.31
C MET A 87 8.89 -8.69 25.57
N GLU A 88 8.88 -9.35 26.73
CA GLU A 88 8.67 -8.67 28.00
C GLU A 88 10.01 -8.15 28.53
N ILE A 89 10.05 -6.89 28.96
CA ILE A 89 11.30 -6.28 29.43
C ILE A 89 11.14 -5.89 30.87
N SER A 90 12.11 -6.26 31.70
CA SER A 90 12.06 -5.91 33.12
C SER A 90 12.80 -4.61 33.35
N LEU A 91 12.05 -3.61 33.75
CA LEU A 91 12.64 -2.31 34.04
C LEU A 91 13.46 -2.35 35.36
N PRO A 92 14.68 -1.79 35.38
CA PRO A 92 15.48 -1.83 36.63
C PRO A 92 14.89 -0.94 37.77
N ILE A 93 14.12 0.08 37.42
CA ILE A 93 13.49 0.96 38.41
C ILE A 93 12.09 1.29 37.93
N ALA A 94 11.12 1.14 38.83
CA ALA A 94 9.73 1.48 38.60
C ALA A 94 9.53 2.92 38.20
N LEU A 95 8.70 3.12 37.16
CA LEU A 95 8.44 4.43 36.59
C LEU A 95 7.13 5.01 37.07
N SER A 96 7.11 6.32 37.33
CA SER A 96 5.85 6.98 37.63
C SER A 96 5.15 7.46 36.34
N LYS A 97 3.91 7.89 36.45
CA LYS A 97 3.19 8.37 35.26
C LYS A 97 3.95 9.51 34.59
N ASN A 98 4.13 9.38 33.28
CA ASN A 98 4.75 10.39 32.41
C ASN A 98 6.26 10.39 32.41
N GLN A 99 6.86 9.53 33.22
CA GLN A 99 8.31 9.47 33.25
C GLN A 99 8.78 8.84 31.96
N GLU A 100 9.91 9.30 31.43
CA GLU A 100 10.50 8.65 30.24
C GLU A 100 11.87 8.05 30.48
N ILE A 101 12.16 6.94 29.83
CA ILE A 101 13.50 6.36 29.84
C ILE A 101 13.88 5.93 28.44
N VAL A 102 15.15 5.66 28.23
CA VAL A 102 15.57 5.07 26.98
C VAL A 102 15.89 3.60 27.20
N ILE A 103 15.32 2.75 26.35
CA ILE A 103 15.63 1.33 26.34
C ILE A 103 16.33 0.98 25.02
N GLU A 104 17.56 0.52 25.13
CA GLU A 104 18.37 0.23 23.97
C GLU A 104 18.50 -1.26 23.73
N ILE A 105 17.98 -1.71 22.59
CA ILE A 105 17.95 -3.14 22.26
C ILE A 105 18.90 -3.50 21.11
N SER A 106 19.93 -4.28 21.42
CA SER A 106 20.80 -4.89 20.42
C SER A 106 20.03 -6.06 19.81
N PHE A 107 19.92 -6.08 18.48
CA PHE A 107 19.10 -7.10 17.78
C PHE A 107 19.68 -7.40 16.40
N GLU A 108 19.17 -8.46 15.79
CA GLU A 108 19.55 -8.83 14.43
C GLU A 108 18.29 -9.37 13.80
N THR A 109 18.06 -9.07 12.52
CA THR A 109 16.90 -9.64 11.79
C THR A 109 17.22 -11.04 11.21
N SER A 110 16.18 -11.84 10.93
CA SER A 110 16.32 -13.08 10.14
C SER A 110 16.42 -12.76 8.63
N PRO A 111 17.15 -13.60 7.87
CA PRO A 111 17.15 -13.45 6.42
C PRO A 111 15.73 -13.58 5.91
N LYS A 112 14.89 -14.28 6.66
CA LYS A 112 13.56 -14.58 6.19
C LYS A 112 12.53 -13.58 6.72
N SER A 113 13.00 -12.45 7.25
CA SER A 113 12.15 -11.35 7.74
C SER A 113 11.00 -10.97 6.78
N SER A 114 9.77 -11.03 7.26
CA SER A 114 8.59 -10.76 6.42
C SER A 114 8.49 -9.29 5.99
N ALA A 115 9.18 -8.40 6.72
CA ALA A 115 9.20 -6.97 6.38
C ALA A 115 10.10 -6.63 5.19
N LEU A 116 10.97 -7.56 4.81
CA LEU A 116 12.11 -7.26 3.95
C LEU A 116 12.18 -8.17 2.72
N GLN A 117 12.60 -7.59 1.59
CA GLN A 117 13.08 -8.37 0.48
C GLN A 117 14.52 -8.06 0.13
N TRP A 118 15.36 -9.08 0.15
CA TRP A 118 16.77 -9.01 -0.27
C TRP A 118 16.90 -9.48 -1.74
N LEU A 119 17.47 -8.64 -2.59
CA LEU A 119 17.56 -8.96 -4.03
C LEU A 119 19.00 -9.19 -4.41
N THR A 120 19.25 -10.25 -5.17
CA THR A 120 20.57 -10.51 -5.75
C THR A 120 20.82 -9.47 -6.86
N PRO A 121 22.08 -9.31 -7.28
CA PRO A 121 22.36 -8.39 -8.41
C PRO A 121 21.52 -8.66 -9.69
N GLU A 122 21.26 -9.93 -10.03
CA GLU A 122 20.49 -10.30 -11.23
C GLU A 122 19.02 -9.89 -11.16
N GLN A 123 18.55 -9.63 -9.95
CA GLN A 123 17.16 -9.24 -9.70
C GLN A 123 16.94 -7.72 -9.82
N THR A 124 18.03 -7.00 -10.11
CA THR A 124 17.99 -5.56 -10.24
C THR A 124 18.18 -5.14 -11.72
N SER A 125 18.07 -3.84 -12.00
CA SER A 125 18.37 -3.33 -13.34
C SER A 125 19.85 -3.40 -13.73
N GLY A 126 20.71 -2.96 -12.80
CA GLY A 126 22.14 -2.76 -13.09
C GLY A 126 22.95 -4.05 -13.14
N LYS A 127 22.49 -5.06 -12.39
CA LYS A 127 23.04 -6.42 -12.41
C LYS A 127 24.42 -6.47 -11.75
N GLU A 128 24.83 -5.38 -11.13
CA GLU A 128 26.12 -5.34 -10.42
C GLU A 128 25.95 -5.48 -8.91
N HIS A 129 24.94 -4.83 -8.36
CA HIS A 129 24.79 -4.72 -6.92
C HIS A 129 23.47 -5.29 -6.43
N PRO A 130 23.47 -5.74 -5.17
CA PRO A 130 22.23 -6.18 -4.62
C PRO A 130 21.36 -4.98 -4.16
N TYR A 131 20.26 -5.28 -3.50
CA TYR A 131 19.28 -4.24 -3.24
C TYR A 131 18.49 -4.73 -2.05
N LEU A 132 18.05 -3.82 -1.19
CA LEU A 132 17.16 -4.22 -0.09
C LEU A 132 16.02 -3.22 -0.04
N PHE A 133 14.80 -3.70 0.21
CA PHE A 133 13.70 -2.79 0.49
C PHE A 133 12.77 -3.34 1.57
N SER A 134 12.14 -2.42 2.28
CA SER A 134 11.19 -2.78 3.30
C SER A 134 9.76 -2.42 2.91
N GLN A 135 8.82 -3.17 3.51
CA GLN A 135 7.40 -2.82 3.48
C GLN A 135 6.68 -3.26 4.77
N CYS A 136 6.59 -2.30 5.71
CA CYS A 136 6.15 -2.59 7.07
C CYS A 136 4.65 -2.70 7.21
N GLN A 137 3.89 -2.02 6.35
CA GLN A 137 2.43 -2.04 6.50
C GLN A 137 1.87 -3.43 6.16
N ALA A 138 1.02 -4.01 7.03
CA ALA A 138 0.49 -3.40 8.25
C ALA A 138 1.39 -3.68 9.44
N ILE A 139 1.71 -4.95 9.67
CA ILE A 139 2.34 -5.38 10.93
C ILE A 139 3.66 -6.15 10.75
N HIS A 140 4.52 -5.58 9.91
CA HIS A 140 5.83 -6.18 9.70
C HIS A 140 6.96 -5.36 10.26
N CYS A 141 6.67 -4.17 10.77
CA CYS A 141 7.77 -3.41 11.40
C CYS A 141 8.47 -4.23 12.53
N ARG A 142 7.70 -5.08 13.23
CA ARG A 142 8.20 -5.96 14.29
C ARG A 142 9.23 -6.99 13.76
N ALA A 143 9.21 -7.23 12.45
CA ALA A 143 10.13 -8.14 11.80
C ALA A 143 11.42 -7.41 11.40
N ILE A 144 11.47 -6.11 11.68
CA ILE A 144 12.70 -5.34 11.50
C ILE A 144 13.32 -5.01 12.87
N LEU A 145 12.47 -4.57 13.81
CA LEU A 145 12.96 -4.08 15.11
C LEU A 145 11.91 -4.22 16.20
N PRO A 146 12.35 -4.39 17.47
CA PRO A 146 11.35 -4.52 18.52
C PRO A 146 10.63 -3.18 18.74
N CYS A 147 9.30 -3.21 18.72
CA CYS A 147 8.53 -1.97 18.80
C CYS A 147 7.13 -2.32 19.27
N GLN A 148 6.38 -1.31 19.69
CA GLN A 148 4.96 -1.43 19.86
C GLN A 148 4.37 -1.25 18.44
N ASP A 149 3.99 -2.37 17.83
CA ASP A 149 3.68 -2.40 16.40
C ASP A 149 2.19 -2.18 16.17
N THR A 150 1.77 -0.96 16.48
CA THR A 150 0.39 -0.57 16.46
C THR A 150 0.39 0.86 15.95
N PRO A 151 -0.55 1.19 15.07
CA PRO A 151 -0.60 2.59 14.54
C PRO A 151 -1.24 3.56 15.55
N SER A 152 -1.57 3.02 16.73
CA SER A 152 -2.15 3.78 17.82
C SER A 152 -1.08 4.55 18.60
N VAL A 153 0.19 4.31 18.28
CA VAL A 153 1.34 4.96 18.90
C VAL A 153 2.13 5.70 17.79
N LYS A 154 2.49 6.97 18.04
CA LYS A 154 3.25 7.83 17.10
C LYS A 154 4.51 8.35 17.75
N LEU A 155 5.62 8.13 17.06
CA LEU A 155 6.94 8.42 17.55
C LEU A 155 7.67 9.15 16.44
N THR A 156 8.65 9.98 16.82
CA THR A 156 9.61 10.52 15.84
C THR A 156 10.79 9.53 15.80
N TYR A 157 11.70 9.71 14.85
CA TYR A 157 12.82 8.81 14.80
C TYR A 157 14.00 9.44 14.11
N THR A 158 15.17 8.91 14.44
CA THR A 158 16.41 9.27 13.78
C THR A 158 17.10 7.94 13.55
N ALA A 159 18.00 7.87 12.56
CA ALA A 159 18.65 6.62 12.23
C ALA A 159 20.01 6.89 11.63
N GLU A 160 20.91 5.93 11.78
CA GLU A 160 22.18 5.93 11.11
C GLU A 160 22.34 4.53 10.59
N VAL A 161 22.63 4.41 9.30
CA VAL A 161 22.55 3.13 8.61
C VAL A 161 23.85 2.88 7.85
N SER A 162 24.63 1.90 8.27
CA SER A 162 25.87 1.53 7.56
C SER A 162 25.60 0.52 6.42
N VAL A 163 26.12 0.85 5.24
CA VAL A 163 25.87 0.12 3.98
C VAL A 163 27.16 0.14 3.16
N PRO A 164 27.34 -0.87 2.28
CA PRO A 164 28.53 -0.92 1.43
C PRO A 164 28.70 0.42 0.69
N LYS A 165 29.88 1.04 0.78
CA LYS A 165 30.08 2.42 0.31
C LYS A 165 29.63 2.72 -1.11
N GLU A 166 29.51 1.70 -1.96
CA GLU A 166 29.04 1.94 -3.33
C GLU A 166 27.50 2.04 -3.42
N LEU A 167 26.81 1.63 -2.37
CA LEU A 167 25.36 1.72 -2.34
C LEU A 167 24.84 3.00 -1.65
N VAL A 168 23.51 3.18 -1.73
CA VAL A 168 22.84 4.33 -1.12
C VAL A 168 21.74 3.82 -0.20
N ALA A 169 21.66 4.40 1.00
CA ALA A 169 20.51 4.19 1.87
C ALA A 169 19.54 5.36 1.82
N LEU A 170 18.24 5.05 1.80
CA LEU A 170 17.17 6.03 1.89
C LEU A 170 16.16 5.52 2.88
N MET A 171 15.56 6.42 3.65
CA MET A 171 14.46 6.08 4.56
C MET A 171 13.30 7.07 4.42
N SER A 172 12.24 6.85 5.20
CA SER A 172 11.04 7.70 5.28
C SER A 172 11.27 8.86 6.24
N ALA A 173 12.16 9.76 5.85
CA ALA A 173 12.77 10.70 6.77
C ALA A 173 13.56 11.65 5.90
N ILE A 174 13.87 12.84 6.45
CA ILE A 174 14.73 13.82 5.78
C ILE A 174 16.19 13.35 5.87
N ARG A 175 16.90 13.41 4.74
CA ARG A 175 18.27 12.93 4.70
C ARG A 175 19.16 13.87 5.50
N ASP A 176 19.99 13.29 6.35
CA ASP A 176 20.72 14.09 7.27
C ASP A 176 22.23 13.97 7.09
N GLY A 177 22.68 13.67 5.88
CA GLY A 177 24.10 13.53 5.62
C GLY A 177 24.63 12.10 5.56
N GLU A 178 25.90 11.97 5.18
CA GLU A 178 26.59 10.69 4.99
C GLU A 178 28.09 10.82 5.36
N THR A 179 28.72 9.73 5.82
CA THR A 179 30.18 9.70 6.08
C THR A 179 30.73 8.29 5.93
N PRO A 180 32.05 8.17 5.65
CA PRO A 180 32.63 6.84 5.80
C PRO A 180 32.36 6.29 7.19
N ASP A 181 32.19 4.98 7.27
CA ASP A 181 32.07 4.28 8.52
C ASP A 181 33.46 4.17 9.18
N PRO A 182 33.60 4.68 10.43
CA PRO A 182 34.86 4.57 11.22
C PRO A 182 35.24 3.13 11.49
N GLU A 183 34.23 2.28 11.63
CA GLU A 183 34.40 0.88 11.97
C GLU A 183 34.67 -0.05 10.77
N ASP A 184 34.73 0.51 9.55
CA ASP A 184 34.91 -0.26 8.30
C ASP A 184 34.81 0.65 7.07
N PRO A 185 35.97 1.05 6.51
CA PRO A 185 36.06 2.02 5.42
C PRO A 185 35.62 1.49 4.05
N SER A 186 35.15 0.26 3.98
CA SER A 186 34.47 -0.19 2.78
C SER A 186 32.96 0.22 2.81
N ARG A 187 32.55 0.84 3.93
CA ARG A 187 31.17 1.24 4.19
C ARG A 187 30.95 2.77 4.35
N LYS A 188 29.69 3.17 4.17
CA LYS A 188 29.23 4.54 4.43
C LYS A 188 28.12 4.50 5.45
N ILE A 189 27.96 5.57 6.20
CA ILE A 189 26.86 5.67 7.12
C ILE A 189 25.97 6.81 6.63
N TYR A 190 24.69 6.50 6.43
CA TYR A 190 23.70 7.49 6.05
C TYR A 190 22.89 7.79 7.28
N LYS A 191 22.51 9.03 7.45
CA LYS A 191 21.80 9.45 8.66
C LYS A 191 20.49 10.11 8.23
N PHE A 192 19.52 10.07 9.12
CA PHE A 192 18.11 10.38 8.84
C PHE A 192 17.45 10.91 10.08
N ILE A 193 16.56 11.87 9.86
CA ILE A 193 15.71 12.46 10.88
C ILE A 193 14.26 12.58 10.41
N GLN A 194 13.36 12.04 11.23
CA GLN A 194 11.95 12.22 10.99
C GLN A 194 11.37 12.94 12.21
N LYS A 195 11.04 14.22 12.04
CA LYS A 195 10.75 15.07 13.19
C LYS A 195 9.24 15.16 13.42
N VAL A 196 8.47 14.55 12.53
CA VAL A 196 7.01 14.51 12.66
C VAL A 196 6.67 13.13 13.24
N PRO A 197 5.86 13.09 14.34
CA PRO A 197 5.44 11.82 14.94
C PRO A 197 4.72 10.95 13.91
N ILE A 198 5.16 9.70 13.78
CA ILE A 198 4.57 8.77 12.83
C ILE A 198 4.32 7.43 13.50
N PRO A 199 3.29 6.70 13.03
CA PRO A 199 3.13 5.30 13.43
C PRO A 199 4.28 4.42 12.90
N CYS A 200 4.67 3.38 13.60
CA CYS A 200 5.83 2.60 13.16
C CYS A 200 5.69 1.91 11.76
N TYR A 201 4.46 1.75 11.23
CA TYR A 201 4.32 1.08 9.90
C TYR A 201 4.85 1.96 8.77
N LEU A 202 5.09 3.23 9.11
CA LEU A 202 5.62 4.24 8.18
C LEU A 202 7.16 4.30 8.13
N ILE A 203 7.81 3.53 8.99
CA ILE A 203 9.27 3.37 8.98
C ILE A 203 9.64 2.50 7.80
N ALA A 204 10.57 2.98 6.96
CA ALA A 204 10.96 2.34 5.68
C ALA A 204 12.45 2.54 5.38
N LEU A 205 13.05 1.55 4.74
CA LEU A 205 14.45 1.57 4.31
C LEU A 205 14.54 0.97 2.93
N VAL A 206 15.32 1.60 2.05
CA VAL A 206 15.82 0.94 0.87
C VAL A 206 17.36 1.12 0.86
N VAL A 207 18.07 0.11 0.38
CA VAL A 207 19.50 0.21 0.11
C VAL A 207 19.84 -0.34 -1.30
N GLY A 208 20.37 0.51 -2.18
CA GLY A 208 20.72 0.03 -3.52
C GLY A 208 21.59 1.00 -4.27
N ALA A 209 21.86 0.69 -5.52
CA ALA A 209 22.60 1.54 -6.42
C ALA A 209 21.65 2.52 -7.05
N LEU A 210 21.34 3.57 -6.28
CA LEU A 210 20.27 4.53 -6.61
C LEU A 210 20.81 5.85 -7.13
N GLU A 211 20.04 6.50 -7.99
CA GLU A 211 20.34 7.84 -8.50
C GLU A 211 19.11 8.65 -8.37
N SER A 212 19.23 9.97 -8.37
CA SER A 212 18.05 10.85 -8.28
C SER A 212 18.13 11.92 -9.35
N ARG A 213 16.95 12.40 -9.74
CA ARG A 213 16.84 13.52 -10.63
C ARG A 213 15.76 14.43 -10.06
N GLN A 214 16.02 15.72 -10.04
CA GLN A 214 15.01 16.63 -9.54
C GLN A 214 13.87 16.83 -10.56
N ILE A 215 12.63 16.77 -10.10
CA ILE A 215 11.48 16.95 -11.01
C ILE A 215 10.50 18.00 -10.55
N GLY A 216 10.76 18.60 -9.39
CA GLY A 216 9.89 19.65 -8.83
C GLY A 216 10.63 20.47 -7.79
N PRO A 217 10.00 21.54 -7.24
CA PRO A 217 10.74 22.35 -6.22
C PRO A 217 11.01 21.58 -4.93
N ARG A 218 10.17 20.59 -4.62
CA ARG A 218 10.39 19.77 -3.43
C ARG A 218 10.44 18.26 -3.72
N THR A 219 10.82 17.86 -4.94
CA THR A 219 10.76 16.45 -5.33
C THR A 219 11.94 15.96 -6.16
N LEU A 220 12.64 14.95 -5.65
CA LEU A 220 13.58 14.20 -6.45
C LEU A 220 12.90 12.86 -6.76
N VAL A 221 13.08 12.33 -7.99
CA VAL A 221 12.73 10.92 -8.27
C VAL A 221 13.98 10.04 -8.07
N TRP A 222 13.86 8.88 -7.43
CA TRP A 222 15.00 8.01 -7.12
C TRP A 222 14.75 6.67 -7.77
N SER A 223 15.75 6.16 -8.47
CA SER A 223 15.71 4.77 -8.96
C SER A 223 17.12 4.32 -9.31
N GLU A 224 17.26 3.07 -9.76
CA GLU A 224 18.47 2.69 -10.46
C GLU A 224 18.64 3.54 -11.73
N LYS A 225 19.89 3.68 -12.20
CA LYS A 225 20.25 4.56 -13.31
C LYS A 225 19.35 4.34 -14.53
N GLU A 226 19.04 3.09 -14.83
CA GLU A 226 18.34 2.81 -16.07
C GLU A 226 16.87 3.28 -16.10
N GLN A 227 16.27 3.59 -14.95
CA GLN A 227 14.85 4.04 -14.87
C GLN A 227 14.65 5.53 -14.62
N VAL A 228 15.72 6.23 -14.30
CA VAL A 228 15.62 7.62 -13.88
C VAL A 228 14.93 8.54 -14.89
N GLU A 229 15.39 8.51 -16.15
CA GLU A 229 14.79 9.35 -17.18
C GLU A 229 13.29 9.04 -17.39
N LYS A 230 12.98 7.76 -17.59
CA LYS A 230 11.60 7.35 -17.73
C LYS A 230 10.73 7.76 -16.54
N SER A 231 11.24 7.59 -15.32
CA SER A 231 10.47 7.96 -14.11
C SER A 231 10.22 9.47 -13.99
N ALA A 232 11.24 10.24 -14.38
CA ALA A 232 11.16 11.69 -14.24
C ALA A 232 10.00 12.23 -15.10
N TYR A 233 9.85 11.63 -16.28
CA TYR A 233 8.77 12.02 -17.19
C TYR A 233 7.40 11.54 -16.68
N GLU A 234 7.31 10.26 -16.30
CA GLU A 234 6.05 9.66 -15.85
C GLU A 234 5.41 10.40 -14.69
N PHE A 235 6.26 10.90 -13.81
CA PHE A 235 5.79 11.49 -12.57
C PHE A 235 5.93 13.00 -12.53
N SER A 236 6.04 13.62 -13.71
CA SER A 236 6.17 15.08 -13.79
C SER A 236 4.97 15.89 -13.33
N GLU A 237 3.79 15.28 -13.18
CA GLU A 237 2.61 16.02 -12.66
C GLU A 237 2.62 16.17 -11.12
N THR A 238 3.63 15.58 -10.48
CA THR A 238 3.75 15.46 -9.02
C THR A 238 3.62 16.76 -8.24
N GLU A 239 4.36 17.78 -8.64
CA GLU A 239 4.31 19.06 -7.94
C GLU A 239 2.92 19.69 -8.05
N SER A 240 2.33 19.67 -9.23
CA SER A 240 1.03 20.25 -9.41
C SER A 240 -0.06 19.52 -8.61
N MET A 241 0.09 18.21 -8.43
CA MET A 241 -0.78 17.41 -7.54
C MET A 241 -0.57 17.75 -6.06
N LEU A 242 0.67 18.01 -5.65
CA LEU A 242 0.95 18.51 -4.29
C LEU A 242 0.27 19.82 -4.00
N LYS A 243 0.37 20.76 -4.95
CA LYS A 243 -0.28 22.05 -4.82
C LYS A 243 -1.80 21.90 -4.63
N ILE A 244 -2.40 21.02 -5.45
CA ILE A 244 -3.86 20.80 -5.35
C ILE A 244 -4.18 20.12 -4.01
N ALA A 245 -3.39 19.10 -3.64
CA ALA A 245 -3.56 18.40 -2.37
C ALA A 245 -3.46 19.36 -1.18
N GLU A 246 -2.49 20.27 -1.23
CA GLU A 246 -2.37 21.34 -0.23
C GLU A 246 -3.59 22.25 -0.17
N ASP A 247 -4.18 22.59 -1.31
CA ASP A 247 -5.43 23.33 -1.28
C ASP A 247 -6.54 22.58 -0.56
N LEU A 248 -6.56 21.26 -0.75
CA LEU A 248 -7.67 20.47 -0.24
C LEU A 248 -7.44 20.03 1.21
N GLY A 249 -6.20 19.74 1.58
CA GLY A 249 -5.96 19.16 2.91
C GLY A 249 -5.31 20.11 3.93
N GLY A 250 -4.81 21.26 3.44
CA GLY A 250 -4.05 22.20 4.29
C GLY A 250 -2.57 21.97 4.06
N PRO A 251 -1.70 22.60 4.86
CA PRO A 251 -0.26 22.60 4.53
C PRO A 251 0.39 21.22 4.48
N TYR A 252 1.32 21.03 3.55
CA TYR A 252 2.15 19.85 3.53
C TYR A 252 3.24 20.04 4.58
N VAL A 253 3.27 19.17 5.58
CA VAL A 253 4.11 19.37 6.76
C VAL A 253 5.40 18.57 6.74
N TRP A 254 5.64 17.80 5.66
CA TRP A 254 6.76 16.84 5.66
C TRP A 254 8.04 17.33 5.00
N GLY A 255 8.06 18.57 4.54
CA GLY A 255 9.25 19.12 3.92
C GLY A 255 9.44 18.67 2.48
N GLN A 256 10.06 17.50 2.31
CA GLN A 256 10.34 16.87 1.03
C GLN A 256 9.16 15.99 0.54
N TYR A 257 8.91 15.98 -0.77
CA TYR A 257 8.12 14.90 -1.36
C TYR A 257 8.88 14.14 -2.47
N ASP A 258 9.68 13.14 -2.10
CA ASP A 258 10.48 12.38 -3.06
C ASP A 258 9.77 11.11 -3.47
N LEU A 259 10.17 10.58 -4.63
CA LEU A 259 9.58 9.36 -5.18
C LEU A 259 10.66 8.31 -5.31
N LEU A 260 10.37 7.07 -4.94
CA LEU A 260 11.33 6.01 -5.16
C LEU A 260 10.60 5.01 -6.02
N VAL A 261 11.22 4.70 -7.17
CA VAL A 261 10.70 3.66 -8.06
C VAL A 261 11.46 2.39 -7.78
N LEU A 262 10.75 1.36 -7.31
CA LEU A 262 11.43 0.15 -6.88
C LEU A 262 11.62 -0.88 -7.99
N PRO A 263 12.30 -1.99 -7.66
CA PRO A 263 12.46 -3.04 -8.65
C PRO A 263 11.11 -3.72 -8.77
N PRO A 264 10.90 -4.60 -9.79
CA PRO A 264 9.53 -4.98 -10.20
C PRO A 264 8.80 -5.84 -9.17
N SER A 265 9.56 -6.48 -8.29
CA SER A 265 8.97 -7.32 -7.22
C SER A 265 8.29 -6.53 -6.07
N PHE A 266 8.42 -5.21 -6.05
CA PHE A 266 7.67 -4.42 -5.06
C PHE A 266 6.20 -4.84 -5.03
N PRO A 267 5.71 -5.28 -3.85
CA PRO A 267 4.46 -6.06 -3.74
C PRO A 267 3.16 -5.27 -3.94
N TYR A 268 3.26 -3.94 -3.90
CA TYR A 268 2.06 -3.09 -4.02
C TYR A 268 2.23 -1.97 -5.06
N GLY A 269 1.14 -1.28 -5.36
CA GLY A 269 1.18 -0.12 -6.21
C GLY A 269 2.09 0.98 -5.66
N GLY A 270 1.98 1.25 -4.37
CA GLY A 270 2.67 2.34 -3.72
C GLY A 270 2.52 2.26 -2.21
N MET A 271 3.43 2.91 -1.49
CA MET A 271 3.40 2.96 -0.06
C MET A 271 3.83 4.38 0.32
N GLU A 272 2.94 5.09 1.02
CA GLU A 272 3.03 6.52 1.33
C GLU A 272 4.10 6.87 2.40
N ASN A 273 5.29 6.28 2.28
CA ASN A 273 6.30 6.48 3.31
C ASN A 273 6.61 7.96 3.42
N PRO A 274 6.60 8.51 4.65
CA PRO A 274 6.77 9.96 4.83
C PRO A 274 8.06 10.42 4.18
N CYS A 275 8.00 11.52 3.44
CA CYS A 275 9.18 12.11 2.78
C CYS A 275 9.66 11.39 1.52
N LEU A 276 9.27 10.15 1.34
CA LEU A 276 9.75 9.34 0.24
C LEU A 276 8.69 8.26 -0.12
N THR A 277 7.75 8.60 -1.01
CA THR A 277 6.74 7.61 -1.50
C THR A 277 7.46 6.50 -2.32
N PHE A 278 7.06 5.24 -2.07
CA PHE A 278 7.54 4.07 -2.81
C PHE A 278 6.49 3.72 -3.85
N VAL A 279 6.88 3.58 -5.12
CA VAL A 279 5.92 3.16 -6.15
C VAL A 279 6.43 1.92 -6.91
N THR A 280 5.50 1.15 -7.48
CA THR A 280 5.89 0.06 -8.40
C THR A 280 6.37 0.63 -9.75
N PRO A 281 7.31 -0.07 -10.41
CA PRO A 281 7.69 0.36 -11.79
C PRO A 281 6.63 0.03 -12.83
N THR A 282 5.66 -0.80 -12.48
CA THR A 282 4.53 -1.03 -13.38
C THR A 282 3.71 0.27 -13.62
N LEU A 283 4.06 1.37 -12.94
CA LEU A 283 3.45 2.69 -13.21
C LEU A 283 4.03 3.35 -14.45
N LEU A 284 5.17 2.86 -14.92
CA LEU A 284 5.94 3.52 -15.98
C LEU A 284 5.37 3.17 -17.33
N ALA A 285 4.20 3.72 -17.64
CA ALA A 285 3.44 3.37 -18.85
C ALA A 285 3.89 4.15 -20.08
N GLY A 286 4.63 5.23 -19.89
CA GLY A 286 5.17 5.98 -21.00
C GLY A 286 4.38 7.25 -21.27
N ASP A 287 3.21 7.38 -20.65
CA ASP A 287 2.29 8.49 -20.93
C ASP A 287 1.65 9.14 -19.72
N LYS A 288 2.16 8.81 -18.54
CA LYS A 288 1.59 9.39 -17.28
C LYS A 288 0.18 8.89 -16.95
N SER A 289 -0.31 7.88 -17.65
CA SER A 289 -1.73 7.50 -17.50
C SER A 289 -2.08 6.81 -16.19
N LEU A 290 -1.06 6.42 -15.43
CA LEU A 290 -1.28 5.70 -14.15
C LEU A 290 -0.97 6.62 -12.97
N SER A 291 -1.01 7.92 -13.24
CA SER A 291 -0.62 8.93 -12.28
C SER A 291 -1.56 9.05 -11.08
N ASN A 292 -2.73 8.38 -11.14
CA ASN A 292 -3.68 8.42 -10.04
C ASN A 292 -3.06 7.82 -8.79
N VAL A 293 -2.17 6.86 -8.98
CA VAL A 293 -1.44 6.23 -7.89
C VAL A 293 -0.55 7.25 -7.16
N ILE A 294 0.14 8.11 -7.91
CA ILE A 294 0.88 9.22 -7.31
C ILE A 294 -0.06 10.11 -6.50
N ALA A 295 -1.22 10.46 -7.07
CA ALA A 295 -2.15 11.37 -6.41
C ALA A 295 -2.66 10.74 -5.11
N HIS A 296 -2.85 9.42 -5.15
CA HIS A 296 -3.21 8.63 -4.00
C HIS A 296 -2.13 8.72 -2.92
N GLU A 297 -0.89 8.40 -3.27
CA GLU A 297 0.20 8.47 -2.32
C GLU A 297 0.40 9.90 -1.75
N ILE A 298 0.32 10.92 -2.59
CA ILE A 298 0.35 12.29 -2.11
C ILE A 298 -0.76 12.54 -1.09
N SER A 299 -1.97 12.08 -1.38
CA SER A 299 -3.13 12.34 -0.50
C SER A 299 -2.93 11.82 0.93
N HIS A 300 -2.20 10.71 1.04
CA HIS A 300 -1.86 10.05 2.32
C HIS A 300 -1.04 10.89 3.24
N SER A 301 -0.41 11.94 2.70
CA SER A 301 0.35 12.87 3.52
C SER A 301 -0.54 13.61 4.53
N TRP A 302 -1.85 13.51 4.32
CA TRP A 302 -2.84 14.05 5.24
C TRP A 302 -3.62 12.88 5.86
N THR A 303 -4.29 12.11 5.01
CA THR A 303 -5.17 11.04 5.45
C THR A 303 -4.37 9.78 5.49
N GLY A 304 -4.01 9.37 6.70
CA GLY A 304 -3.16 8.22 6.93
C GLY A 304 -1.91 8.64 7.70
N ASN A 305 -1.15 9.57 7.14
CA ASN A 305 0.10 10.00 7.78
C ASN A 305 -0.04 11.09 8.84
N LEU A 306 -1.07 11.91 8.71
CA LEU A 306 -1.41 12.88 9.77
C LEU A 306 -2.54 12.35 10.67
N VAL A 307 -3.68 12.01 10.06
CA VAL A 307 -4.79 11.36 10.75
C VAL A 307 -4.55 9.91 10.45
N THR A 308 -4.33 9.07 11.46
CA THR A 308 -3.99 7.68 11.25
C THR A 308 -5.04 6.81 11.90
N ASN A 309 -5.27 5.61 11.33
CA ASN A 309 -6.13 4.63 11.96
C ASN A 309 -5.53 4.09 13.26
N LYS A 310 -6.33 4.10 14.31
CA LYS A 310 -5.89 3.72 15.65
C LYS A 310 -5.58 2.25 15.71
N THR A 311 -6.43 1.46 15.05
CA THR A 311 -6.12 0.06 14.79
C THR A 311 -6.45 -0.30 13.32
N TRP A 312 -6.09 -1.50 12.92
CA TRP A 312 -6.25 -1.90 11.54
C TRP A 312 -7.69 -2.25 11.18
N ASP A 313 -8.53 -2.47 12.20
CA ASP A 313 -9.97 -2.61 12.03
C ASP A 313 -10.51 -1.37 11.35
N HIS A 314 -9.78 -0.27 11.50
CA HIS A 314 -10.24 1.06 11.05
C HIS A 314 -9.55 1.57 9.80
N PHE A 315 -8.89 0.64 9.10
CA PHE A 315 -8.09 0.86 7.89
C PHE A 315 -8.84 1.65 6.85
N TRP A 316 -10.16 1.43 6.68
CA TRP A 316 -10.96 2.25 5.73
C TRP A 316 -10.83 3.77 5.93
N LEU A 317 -10.62 4.18 7.17
CA LEU A 317 -10.35 5.62 7.44
C LEU A 317 -9.20 6.11 6.57
N ASN A 318 -8.11 5.35 6.57
CA ASN A 318 -6.94 5.71 5.77
C ASN A 318 -7.30 5.75 4.31
N GLU A 319 -7.82 4.62 3.79
CA GLU A 319 -7.97 4.43 2.35
C GLU A 319 -9.14 5.18 1.69
N GLY A 320 -10.28 5.17 2.35
CA GLY A 320 -11.45 5.82 1.76
C GLY A 320 -11.23 7.32 1.53
N HIS A 321 -10.76 7.99 2.59
CA HIS A 321 -10.40 9.42 2.54
C HIS A 321 -9.29 9.72 1.53
N THR A 322 -8.36 8.76 1.35
CA THR A 322 -7.24 8.93 0.45
C THR A 322 -7.66 8.78 -1.01
N VAL A 323 -8.52 7.78 -1.27
CA VAL A 323 -9.18 7.63 -2.59
C VAL A 323 -10.09 8.83 -2.91
N TYR A 324 -10.79 9.33 -1.90
CA TYR A 324 -11.65 10.49 -2.08
C TYR A 324 -10.80 11.74 -2.46
N LEU A 325 -9.69 11.97 -1.79
CA LEU A 325 -8.82 13.10 -2.15
C LEU A 325 -8.13 12.90 -3.54
N GLU A 326 -7.67 11.67 -3.78
CA GLU A 326 -7.10 11.24 -5.06
C GLU A 326 -7.99 11.56 -6.29
N ARG A 327 -9.26 11.18 -6.20
CA ARG A 327 -10.22 11.42 -7.26
C ARG A 327 -10.53 12.91 -7.38
N HIS A 328 -10.40 13.66 -6.29
CA HIS A 328 -10.55 15.13 -6.36
C HIS A 328 -9.37 15.79 -7.09
N ILE A 329 -8.17 15.27 -6.87
CA ILE A 329 -6.96 15.82 -7.47
C ILE A 329 -7.03 15.56 -8.96
N CYS A 330 -7.52 14.37 -9.28
CA CYS A 330 -7.62 13.95 -10.64
C CYS A 330 -8.78 14.63 -11.34
N GLY A 331 -9.85 14.90 -10.59
CA GLY A 331 -10.91 15.78 -11.03
C GLY A 331 -10.45 17.20 -11.32
N ARG A 332 -9.62 17.78 -10.46
CA ARG A 332 -9.06 19.11 -10.72
C ARG A 332 -8.25 19.16 -11.98
N LEU A 333 -7.33 18.22 -12.12
CA LEU A 333 -6.43 18.20 -13.27
C LEU A 333 -7.16 17.99 -14.56
N PHE A 334 -8.07 17.00 -14.55
CA PHE A 334 -8.64 16.46 -15.79
C PHE A 334 -10.15 16.58 -15.93
N GLY A 335 -10.84 17.22 -15.01
CA GLY A 335 -12.26 17.49 -15.17
C GLY A 335 -13.15 16.62 -14.29
N GLU A 336 -14.27 17.17 -13.87
CA GLU A 336 -15.21 16.52 -12.98
C GLU A 336 -15.84 15.25 -13.56
N LYS A 337 -15.94 15.20 -14.89
CA LYS A 337 -16.44 14.02 -15.56
C LYS A 337 -15.50 12.84 -15.36
N PHE A 338 -14.22 13.15 -15.37
CA PHE A 338 -13.18 12.16 -15.14
C PHE A 338 -13.20 11.66 -13.68
N ARG A 339 -13.39 12.55 -12.70
CA ARG A 339 -13.63 12.13 -11.31
C ARG A 339 -14.79 11.12 -11.23
N HIS A 340 -15.92 11.45 -11.84
CA HIS A 340 -17.03 10.48 -11.93
C HIS A 340 -16.68 9.17 -12.65
N PHE A 341 -15.94 9.24 -13.76
CA PHE A 341 -15.55 8.02 -14.49
C PHE A 341 -14.77 7.08 -13.56
N ASN A 342 -13.76 7.62 -12.89
CA ASN A 342 -12.95 6.89 -11.90
C ASN A 342 -13.73 6.39 -10.70
N ALA A 343 -14.62 7.23 -10.19
CA ALA A 343 -15.56 6.88 -9.14
C ALA A 343 -16.45 5.66 -9.54
N LEU A 344 -17.00 5.70 -10.74
CA LEU A 344 -17.80 4.58 -11.25
C LEU A 344 -16.95 3.33 -11.48
N GLY A 345 -15.76 3.49 -12.03
CA GLY A 345 -14.80 2.35 -12.14
C GLY A 345 -14.58 1.69 -10.78
N GLY A 346 -14.43 2.51 -9.75
CA GLY A 346 -14.15 2.04 -8.41
C GLY A 346 -15.28 1.20 -7.85
N TRP A 347 -16.52 1.63 -8.08
CA TRP A 347 -17.72 0.88 -7.69
C TRP A 347 -17.71 -0.48 -8.37
N GLY A 348 -17.27 -0.50 -9.63
CA GLY A 348 -17.09 -1.74 -10.38
C GLY A 348 -16.03 -2.65 -9.79
N GLU A 349 -14.95 -2.08 -9.24
CA GLU A 349 -13.94 -2.87 -8.55
C GLU A 349 -14.48 -3.44 -7.22
N LEU A 350 -15.37 -2.70 -6.57
CA LEU A 350 -16.04 -3.17 -5.35
C LEU A 350 -16.95 -4.38 -5.62
N GLN A 351 -17.75 -4.30 -6.69
CA GLN A 351 -18.60 -5.45 -7.08
C GLN A 351 -17.72 -6.66 -7.26
N ASN A 352 -16.59 -6.50 -7.95
CA ASN A 352 -15.64 -7.61 -8.10
C ASN A 352 -15.16 -8.22 -6.78
N SER A 353 -14.75 -7.39 -5.82
CA SER A 353 -14.21 -7.92 -4.55
C SER A 353 -15.27 -8.63 -3.73
N VAL A 354 -16.46 -8.04 -3.70
CA VAL A 354 -17.59 -8.61 -2.97
C VAL A 354 -17.93 -9.98 -3.59
N LYS A 355 -17.93 -10.07 -4.92
CA LYS A 355 -18.22 -11.30 -5.64
C LYS A 355 -17.15 -12.38 -5.38
N THR A 356 -15.87 -11.97 -5.41
CA THR A 356 -14.77 -12.84 -5.08
C THR A 356 -14.89 -13.41 -3.66
N PHE A 357 -15.05 -12.55 -2.66
CA PHE A 357 -15.11 -12.99 -1.28
C PHE A 357 -16.44 -13.68 -1.00
N GLY A 358 -17.50 -13.22 -1.63
CA GLY A 358 -18.85 -13.71 -1.33
C GLY A 358 -19.49 -12.57 -0.56
N GLU A 359 -20.80 -12.45 -0.70
CA GLU A 359 -21.48 -11.25 -0.25
C GLU A 359 -21.82 -11.20 1.25
N THR A 360 -21.61 -12.31 1.95
CA THR A 360 -21.74 -12.34 3.41
C THR A 360 -20.37 -12.51 4.06
N HIS A 361 -19.28 -12.44 3.27
CA HIS A 361 -17.93 -12.54 3.84
C HIS A 361 -17.57 -11.37 4.76
N PRO A 362 -16.98 -11.68 5.93
CA PRO A 362 -16.56 -10.66 6.89
C PRO A 362 -15.53 -9.63 6.37
N PHE A 363 -14.76 -10.00 5.34
CA PHE A 363 -13.76 -9.08 4.77
C PHE A 363 -14.39 -8.03 3.86
N THR A 364 -15.70 -8.13 3.65
CA THR A 364 -16.42 -7.21 2.76
C THR A 364 -17.13 -6.18 3.62
N LYS A 365 -16.98 -6.33 4.93
CA LYS A 365 -17.40 -5.31 5.89
C LYS A 365 -16.45 -4.14 5.77
N LEU A 366 -16.99 -2.93 5.93
CA LEU A 366 -16.17 -1.72 5.91
C LEU A 366 -15.21 -1.66 7.10
N VAL A 367 -15.78 -1.83 8.29
CA VAL A 367 -15.00 -1.95 9.52
C VAL A 367 -14.86 -3.43 9.77
N VAL A 368 -13.63 -3.93 9.84
CA VAL A 368 -13.45 -5.38 9.97
C VAL A 368 -13.03 -5.75 11.38
N ASP A 369 -13.25 -6.99 11.80
CA ASP A 369 -12.73 -7.42 13.10
C ASP A 369 -11.55 -8.32 12.81
N LEU A 370 -10.33 -7.84 13.11
CA LEU A 370 -9.11 -8.57 12.77
C LEU A 370 -8.61 -9.57 13.84
N THR A 371 -9.42 -9.78 14.89
CA THR A 371 -9.12 -10.76 15.93
C THR A 371 -8.87 -12.10 15.26
N ASP A 372 -7.67 -12.61 15.44
CA ASP A 372 -7.24 -13.87 14.82
C ASP A 372 -7.10 -13.87 13.30
N ILE A 373 -7.10 -12.71 12.66
CA ILE A 373 -6.96 -12.63 11.21
C ILE A 373 -5.61 -12.01 10.90
N ASP A 374 -4.84 -12.64 10.01
CA ASP A 374 -3.64 -12.02 9.44
C ASP A 374 -4.07 -10.86 8.53
N PRO A 375 -3.68 -9.62 8.88
CA PRO A 375 -4.10 -8.48 8.08
C PRO A 375 -3.75 -8.58 6.60
N ASP A 376 -2.66 -9.30 6.23
CA ASP A 376 -2.30 -9.49 4.81
C ASP A 376 -3.32 -10.31 4.04
N VAL A 377 -4.02 -11.20 4.75
CA VAL A 377 -5.01 -12.07 4.17
C VAL A 377 -6.36 -11.33 3.98
N ALA A 378 -6.58 -10.32 4.79
CA ALA A 378 -7.83 -9.54 4.78
C ALA A 378 -7.73 -8.42 3.73
N TYR A 379 -6.51 -7.99 3.44
CA TYR A 379 -6.26 -6.90 2.49
C TYR A 379 -6.96 -7.08 1.14
N SER A 380 -7.65 -6.05 0.67
CA SER A 380 -8.34 -6.03 -0.62
C SER A 380 -8.83 -4.61 -0.91
N SER A 381 -9.58 -4.47 -1.99
CA SER A 381 -10.16 -3.20 -2.49
C SER A 381 -11.34 -2.68 -1.68
N VAL A 382 -11.85 -3.52 -0.78
CA VAL A 382 -13.02 -3.16 0.02
C VAL A 382 -12.85 -1.86 0.87
N PRO A 383 -11.82 -1.78 1.71
CA PRO A 383 -11.68 -0.52 2.45
C PRO A 383 -11.56 0.73 1.57
N TYR A 384 -10.84 0.61 0.44
CA TYR A 384 -10.74 1.66 -0.63
C TYR A 384 -12.10 2.06 -1.23
N GLU A 385 -12.80 1.06 -1.77
CA GLU A 385 -13.96 1.33 -2.57
C GLU A 385 -15.27 1.41 -1.79
N LYS A 386 -15.40 0.65 -0.70
CA LYS A 386 -16.59 0.82 0.11
C LYS A 386 -16.42 2.08 0.91
N GLY A 387 -15.21 2.33 1.36
CA GLY A 387 -14.89 3.61 2.01
C GLY A 387 -15.12 4.84 1.13
N PHE A 388 -14.53 4.85 -0.07
CA PHE A 388 -14.84 5.88 -1.05
C PHE A 388 -16.35 5.99 -1.35
N ALA A 389 -17.03 4.87 -1.63
CA ALA A 389 -18.47 4.94 -1.90
C ALA A 389 -19.29 5.59 -0.74
N LEU A 390 -18.98 5.26 0.53
CA LEU A 390 -19.60 5.97 1.66
C LEU A 390 -19.40 7.50 1.64
N LEU A 391 -18.18 7.95 1.39
CA LEU A 391 -17.89 9.36 1.36
C LEU A 391 -18.48 10.08 0.13
N PHE A 392 -18.48 9.38 -1.01
CA PHE A 392 -19.11 9.88 -2.23
C PHE A 392 -20.64 9.98 -2.01
N TYR A 393 -21.23 9.00 -1.34
CA TYR A 393 -22.64 9.08 -0.99
C TYR A 393 -22.97 10.25 -0.02
N LEU A 394 -22.15 10.39 1.02
CA LEU A 394 -22.25 11.51 1.94
C LEU A 394 -22.07 12.87 1.23
N GLU A 395 -21.09 12.97 0.34
CA GLU A 395 -20.97 14.17 -0.50
C GLU A 395 -22.30 14.59 -1.17
N GLN A 396 -22.99 13.62 -1.74
CA GLN A 396 -24.20 13.89 -2.50
C GLN A 396 -25.39 14.17 -1.60
N LEU A 397 -25.41 13.47 -0.46
CA LEU A 397 -26.43 13.65 0.56
C LEU A 397 -26.34 15.04 1.18
N LEU A 398 -25.12 15.53 1.38
CA LEU A 398 -24.87 16.72 2.22
C LEU A 398 -24.60 18.02 1.45
N GLY A 399 -24.77 18.00 0.14
CA GLY A 399 -24.81 19.22 -0.64
C GLY A 399 -23.73 19.42 -1.68
N GLY A 400 -22.94 18.39 -1.97
CA GLY A 400 -21.96 18.50 -3.05
C GLY A 400 -20.51 18.50 -2.58
N PRO A 401 -19.59 18.50 -3.56
CA PRO A 401 -18.16 18.36 -3.32
C PRO A 401 -17.51 19.55 -2.60
N GLU A 402 -17.98 20.77 -2.83
CA GLU A 402 -17.33 21.91 -2.18
C GLU A 402 -17.61 21.89 -0.70
N ILE A 403 -18.83 21.49 -0.35
CA ILE A 403 -19.28 21.38 1.03
C ILE A 403 -18.54 20.24 1.74
N PHE A 404 -18.43 19.08 1.09
CA PHE A 404 -17.79 17.95 1.73
C PHE A 404 -16.25 18.12 1.89
N LEU A 405 -15.60 18.76 0.89
CA LEU A 405 -14.18 19.10 0.98
C LEU A 405 -13.88 20.03 2.18
N GLY A 406 -14.83 20.91 2.53
CA GLY A 406 -14.76 21.73 3.74
C GLY A 406 -14.70 20.88 5.00
N PHE A 407 -15.48 19.81 5.05
CA PHE A 407 -15.45 18.86 6.17
C PHE A 407 -14.14 18.08 6.22
N LEU A 408 -13.69 17.64 5.06
CA LEU A 408 -12.46 16.90 4.93
C LEU A 408 -11.26 17.71 5.42
N LYS A 409 -11.23 18.99 5.08
CA LYS A 409 -10.15 19.85 5.55
C LYS A 409 -10.25 20.07 7.07
N ALA A 410 -11.45 20.25 7.58
CA ALA A 410 -11.66 20.41 9.03
C ALA A 410 -11.31 19.12 9.80
N TYR A 411 -11.64 17.98 9.18
CA TYR A 411 -11.36 16.64 9.71
C TYR A 411 -9.86 16.41 9.87
N VAL A 412 -9.10 16.77 8.85
CA VAL A 412 -7.64 16.71 8.91
C VAL A 412 -7.04 17.56 10.05
N GLU A 413 -7.44 18.84 10.14
CA GLU A 413 -6.97 19.75 11.19
C GLU A 413 -7.25 19.20 12.57
N LYS A 414 -8.45 18.69 12.73
CA LYS A 414 -8.96 18.18 13.99
C LYS A 414 -8.18 16.96 14.49
N PHE A 415 -7.81 16.05 13.60
CA PHE A 415 -7.17 14.85 14.04
C PHE A 415 -5.71 14.72 13.61
N SER A 416 -5.09 15.82 13.21
CA SER A 416 -3.68 15.82 12.84
C SER A 416 -2.79 15.33 13.98
N TYR A 417 -1.85 14.42 13.67
CA TYR A 417 -0.93 13.85 14.67
C TYR A 417 -1.63 12.92 15.65
N LYS A 418 -2.84 12.49 15.33
CA LYS A 418 -3.56 11.54 16.15
C LYS A 418 -3.85 10.25 15.42
N SER A 419 -4.32 9.28 16.20
CA SER A 419 -4.83 8.00 15.75
C SER A 419 -6.28 7.88 16.24
N ILE A 420 -7.17 7.48 15.34
CA ILE A 420 -8.59 7.58 15.58
C ILE A 420 -9.35 6.34 15.10
N THR A 421 -10.59 6.22 15.57
CA THR A 421 -11.51 5.16 15.19
C THR A 421 -12.65 5.69 14.31
N THR A 422 -13.42 4.76 13.77
CA THR A 422 -14.64 5.06 13.04
C THR A 422 -15.59 5.96 13.82
N ASP A 423 -15.78 5.74 15.12
CA ASP A 423 -16.68 6.57 15.94
C ASP A 423 -16.16 7.97 16.18
N ASP A 424 -14.85 8.11 16.29
CA ASP A 424 -14.24 9.43 16.30
C ASP A 424 -14.60 10.18 15.03
N TRP A 425 -14.42 9.55 13.87
CA TRP A 425 -14.76 10.17 12.58
C TRP A 425 -16.26 10.53 12.47
N LYS A 426 -17.12 9.58 12.86
CA LYS A 426 -18.59 9.72 12.77
C LYS A 426 -19.10 10.83 13.69
N ASP A 427 -18.52 10.87 14.87
CA ASP A 427 -18.73 11.89 15.85
C ASP A 427 -18.34 13.24 15.30
N PHE A 428 -17.16 13.33 14.69
CA PHE A 428 -16.78 14.62 14.10
C PHE A 428 -17.65 15.02 12.94
N LEU A 429 -18.04 14.04 12.12
CA LEU A 429 -18.94 14.26 10.97
C LEU A 429 -20.26 14.94 11.41
N TYR A 430 -20.83 14.41 12.49
CA TYR A 430 -22.08 14.86 13.08
C TYR A 430 -21.95 16.23 13.71
N SER A 431 -20.82 16.46 14.36
CA SER A 431 -20.49 17.78 14.87
C SER A 431 -20.33 18.81 13.73
N TYR A 432 -19.53 18.50 12.71
CA TYR A 432 -19.33 19.41 11.59
C TYR A 432 -20.62 19.81 10.82
N PHE A 433 -21.52 18.84 10.64
CA PHE A 433 -22.78 19.02 9.92
C PHE A 433 -23.95 19.01 10.89
N LYS A 434 -23.82 19.65 12.04
CA LYS A 434 -24.93 19.69 13.03
C LYS A 434 -26.22 20.28 12.45
N ASP A 435 -26.10 21.18 11.50
CA ASP A 435 -27.26 21.73 10.80
C ASP A 435 -27.88 20.79 9.77
N LYS A 436 -27.29 19.63 9.59
CA LYS A 436 -27.74 18.69 8.58
C LYS A 436 -27.81 17.30 9.19
N VAL A 437 -28.05 17.28 10.49
CA VAL A 437 -28.11 16.05 11.26
C VAL A 437 -29.27 15.16 10.82
N ASP A 438 -30.37 15.76 10.43
CA ASP A 438 -31.55 14.98 10.07
C ASP A 438 -31.30 14.22 8.77
N VAL A 439 -30.50 14.84 7.89
CA VAL A 439 -30.03 14.18 6.68
C VAL A 439 -29.10 13.00 7.02
N LEU A 440 -28.15 13.22 7.94
CA LEU A 440 -27.22 12.17 8.40
C LEU A 440 -27.93 11.00 9.06
N ASN A 441 -29.07 11.28 9.69
CA ASN A 441 -29.87 10.24 10.36
C ASN A 441 -30.65 9.36 9.37
N GLN A 442 -30.48 9.66 8.09
CA GLN A 442 -31.10 8.86 7.04
C GLN A 442 -30.15 7.80 6.56
N VAL A 443 -28.86 7.94 6.89
CA VAL A 443 -27.86 6.94 6.54
C VAL A 443 -28.07 5.71 7.36
N ASP A 444 -28.09 4.57 6.66
CA ASP A 444 -28.05 3.26 7.35
C ASP A 444 -26.60 2.95 7.80
N TRP A 445 -26.21 3.51 8.94
CA TRP A 445 -24.82 3.40 9.49
C TRP A 445 -24.43 1.99 9.80
N ASN A 446 -25.40 1.24 10.31
CA ASN A 446 -25.13 -0.10 10.70
C ASN A 446 -24.79 -0.95 9.48
N ALA A 447 -25.52 -0.74 8.39
CA ALA A 447 -25.24 -1.40 7.11
C ALA A 447 -23.92 -0.92 6.52
N TRP A 448 -23.78 0.38 6.30
CA TRP A 448 -22.54 0.90 5.72
C TRP A 448 -21.27 0.43 6.44
N LEU A 449 -21.25 0.51 7.78
CA LEU A 449 -20.04 0.19 8.56
C LEU A 449 -19.86 -1.27 8.91
N TYR A 450 -20.95 -1.97 9.22
CA TYR A 450 -20.81 -3.26 9.91
C TYR A 450 -21.33 -4.49 9.16
N SER A 451 -22.01 -4.24 8.04
CA SER A 451 -22.59 -5.27 7.19
C SER A 451 -21.72 -5.67 6.00
N PRO A 452 -21.78 -6.96 5.64
CA PRO A 452 -21.09 -7.44 4.47
C PRO A 452 -21.83 -7.09 3.19
N GLY A 453 -21.13 -7.16 2.07
CA GLY A 453 -21.74 -7.05 0.73
C GLY A 453 -21.67 -5.64 0.19
N LEU A 454 -22.28 -5.42 -0.96
CA LEU A 454 -22.34 -4.12 -1.56
C LEU A 454 -23.12 -3.18 -0.65
N PRO A 455 -22.76 -1.88 -0.65
CA PRO A 455 -23.44 -0.89 0.18
C PRO A 455 -24.96 -0.93 -0.01
N PRO A 456 -25.72 -0.47 0.99
CA PRO A 456 -27.18 -0.45 0.84
C PRO A 456 -27.66 0.57 -0.21
N ILE A 457 -26.83 1.55 -0.51
CA ILE A 457 -27.17 2.65 -1.43
C ILE A 457 -26.03 2.85 -2.43
N LYS A 458 -26.36 3.08 -3.69
CA LYS A 458 -25.39 3.42 -4.72
C LYS A 458 -25.46 4.90 -5.01
N PRO A 459 -24.31 5.59 -4.96
CA PRO A 459 -24.29 7.02 -5.34
C PRO A 459 -24.73 7.28 -6.79
N ASN A 460 -24.91 8.55 -7.14
CA ASN A 460 -25.23 8.88 -8.52
C ASN A 460 -23.95 9.17 -9.26
N TYR A 461 -23.84 8.71 -10.49
CA TYR A 461 -22.61 8.90 -11.24
C TYR A 461 -22.85 9.49 -12.63
N ASP A 462 -22.08 10.51 -13.00
CA ASP A 462 -22.05 10.95 -14.37
C ASP A 462 -21.57 9.79 -15.24
N MET A 463 -22.25 9.59 -16.36
CA MET A 463 -21.95 8.47 -17.26
C MET A 463 -21.20 8.90 -18.52
N THR A 464 -21.03 10.20 -18.75
CA THR A 464 -20.48 10.68 -20.02
C THR A 464 -19.36 9.79 -20.57
N LEU A 465 -18.29 9.57 -19.80
CA LEU A 465 -17.10 8.92 -20.34
C LEU A 465 -17.20 7.41 -20.28
N THR A 466 -18.13 6.90 -19.49
CA THR A 466 -18.28 5.48 -19.27
C THR A 466 -19.09 4.83 -20.39
N ASN A 467 -20.00 5.60 -20.98
CA ASN A 467 -20.99 5.10 -21.92
C ASN A 467 -20.42 4.33 -23.11
N ALA A 468 -19.44 4.94 -23.78
CA ALA A 468 -18.82 4.31 -24.95
C ALA A 468 -18.14 2.98 -24.57
N CYS A 469 -17.71 2.87 -23.33
CA CYS A 469 -17.02 1.67 -22.83
C CYS A 469 -18.00 0.53 -22.68
N ILE A 470 -19.14 0.87 -22.09
CA ILE A 470 -20.23 -0.05 -21.89
C ILE A 470 -20.88 -0.48 -23.21
N ALA A 471 -21.01 0.47 -24.14
CA ALA A 471 -21.63 0.20 -25.42
C ALA A 471 -20.76 -0.77 -26.16
N LEU A 472 -19.45 -0.55 -26.17
CA LEU A 472 -18.56 -1.48 -26.87
C LEU A 472 -18.47 -2.87 -26.21
N SER A 473 -18.43 -2.90 -24.87
CA SER A 473 -18.40 -4.16 -24.11
C SER A 473 -19.66 -4.96 -24.44
N GLN A 474 -20.80 -4.29 -24.36
CA GLN A 474 -22.09 -4.90 -24.75
C GLN A 474 -22.12 -5.41 -26.18
N ARG A 475 -21.53 -4.69 -27.13
CA ARG A 475 -21.44 -5.18 -28.50
C ARG A 475 -20.72 -6.53 -28.59
N TRP A 476 -19.62 -6.66 -27.87
CA TRP A 476 -18.88 -7.91 -27.91
C TRP A 476 -19.60 -9.06 -27.22
N ILE A 477 -20.25 -8.79 -26.08
CA ILE A 477 -20.86 -9.84 -25.29
C ILE A 477 -22.07 -10.44 -26.02
N THR A 478 -22.91 -9.56 -26.60
CA THR A 478 -24.06 -9.96 -27.41
C THR A 478 -23.73 -10.36 -28.86
N ALA A 479 -22.50 -10.16 -29.33
CA ALA A 479 -22.17 -10.56 -30.68
C ALA A 479 -22.28 -12.08 -30.85
N LYS A 480 -22.69 -12.53 -32.03
CA LYS A 480 -22.58 -13.91 -32.44
C LYS A 480 -21.44 -14.04 -33.44
N GLU A 481 -21.14 -15.26 -33.85
CA GLU A 481 -20.07 -15.48 -34.80
C GLU A 481 -20.15 -14.53 -36.02
N ASP A 482 -21.34 -14.40 -36.59
CA ASP A 482 -21.47 -13.64 -37.82
C ASP A 482 -21.40 -12.11 -37.66
N ASP A 483 -21.28 -11.66 -36.41
CA ASP A 483 -21.05 -10.23 -36.06
C ASP A 483 -19.58 -9.86 -35.88
N LEU A 484 -18.73 -10.87 -35.72
CA LEU A 484 -17.31 -10.65 -35.47
C LEU A 484 -16.60 -9.80 -36.55
N ASN A 485 -17.07 -9.89 -37.78
CA ASN A 485 -16.49 -9.15 -38.89
C ASN A 485 -16.63 -7.62 -38.74
N SER A 486 -17.71 -7.17 -38.09
CA SER A 486 -17.99 -5.73 -37.96
C SER A 486 -17.02 -5.00 -37.04
N PHE A 487 -16.36 -5.71 -36.15
CA PHE A 487 -15.35 -5.10 -35.28
C PHE A 487 -14.10 -4.78 -36.08
N ASN A 488 -13.46 -3.67 -35.70
CA ASN A 488 -12.39 -3.05 -36.48
C ASN A 488 -11.59 -2.18 -35.54
N ALA A 489 -10.29 -2.00 -35.82
CA ALA A 489 -9.43 -1.05 -35.06
C ALA A 489 -10.05 0.33 -34.85
N THR A 490 -10.91 0.77 -35.76
CA THR A 490 -11.56 2.06 -35.57
C THR A 490 -12.58 2.11 -34.42
N ASP A 491 -13.04 0.96 -33.92
CA ASP A 491 -13.92 0.97 -32.72
C ASP A 491 -13.23 1.74 -31.55
N LEU A 492 -11.90 1.71 -31.52
CA LEU A 492 -11.13 2.23 -30.36
C LEU A 492 -10.64 3.66 -30.52
N LYS A 493 -10.87 4.17 -31.73
CA LYS A 493 -10.52 5.48 -32.25
C LYS A 493 -10.57 6.61 -31.23
N ASP A 494 -11.74 6.79 -30.62
CA ASP A 494 -11.98 7.87 -29.69
C ASP A 494 -11.90 7.44 -28.22
N LEU A 495 -11.20 6.34 -27.94
CA LEU A 495 -11.09 5.87 -26.55
C LEU A 495 -9.70 6.13 -25.99
N SER A 496 -9.64 6.81 -24.85
CA SER A 496 -8.39 7.04 -24.17
C SER A 496 -7.88 5.74 -23.53
N SER A 497 -6.67 5.73 -22.98
CA SER A 497 -6.16 4.51 -22.38
C SER A 497 -7.07 4.04 -21.25
N HIS A 498 -7.64 5.02 -20.53
CA HIS A 498 -8.54 4.79 -19.41
C HIS A 498 -9.83 4.14 -19.84
N GLN A 499 -10.33 4.55 -21.01
CA GLN A 499 -11.56 3.97 -21.57
C GLN A 499 -11.36 2.52 -22.12
N LEU A 500 -10.18 2.25 -22.67
CA LEU A 500 -9.81 0.91 -23.10
C LEU A 500 -9.77 0.00 -21.87
N ASN A 501 -9.11 0.49 -20.83
CA ASN A 501 -9.11 -0.21 -19.55
C ASN A 501 -10.52 -0.47 -18.99
N GLU A 502 -11.36 0.57 -18.98
CA GLU A 502 -12.71 0.38 -18.49
C GLU A 502 -13.52 -0.57 -19.40
N PHE A 503 -13.37 -0.43 -20.72
CA PHE A 503 -13.93 -1.43 -21.65
C PHE A 503 -13.52 -2.86 -21.30
N LEU A 504 -12.23 -3.08 -21.02
CA LEU A 504 -11.76 -4.41 -20.67
C LEU A 504 -12.33 -4.89 -19.35
N ALA A 505 -12.47 -3.98 -18.37
CA ALA A 505 -13.02 -4.29 -17.04
C ALA A 505 -14.49 -4.63 -17.12
N GLN A 506 -15.21 -3.93 -18.00
CA GLN A 506 -16.63 -4.17 -18.25
C GLN A 506 -16.86 -5.57 -18.76
N THR A 507 -15.93 -6.01 -19.62
CA THR A 507 -16.06 -7.26 -20.34
C THR A 507 -15.57 -8.43 -19.49
N LEU A 508 -14.40 -8.26 -18.86
CA LEU A 508 -13.96 -9.15 -17.77
C LEU A 508 -15.05 -9.49 -16.76
N GLN A 509 -15.92 -8.54 -16.44
CA GLN A 509 -17.00 -8.84 -15.50
C GLN A 509 -17.97 -9.91 -15.98
N ARG A 510 -17.97 -10.16 -17.28
CA ARG A 510 -18.83 -11.17 -17.88
C ARG A 510 -18.02 -12.35 -18.41
N ALA A 511 -16.74 -12.43 -18.10
CA ALA A 511 -15.94 -13.55 -18.59
C ALA A 511 -16.41 -14.88 -17.99
N PRO A 512 -16.27 -16.00 -18.75
CA PRO A 512 -15.65 -16.14 -20.09
C PRO A 512 -16.50 -15.65 -21.25
N LEU A 513 -15.84 -15.18 -22.30
CA LEU A 513 -16.46 -14.98 -23.62
C LEU A 513 -16.06 -16.13 -24.54
N PRO A 514 -16.82 -16.36 -25.63
CA PRO A 514 -16.40 -17.43 -26.51
C PRO A 514 -15.01 -17.11 -26.99
N LEU A 515 -14.22 -18.17 -27.20
CA LEU A 515 -12.82 -18.10 -27.52
C LEU A 515 -12.62 -17.49 -28.90
N GLY A 516 -13.56 -17.72 -29.80
CA GLY A 516 -13.53 -17.04 -31.10
C GLY A 516 -13.62 -15.54 -30.99
N HIS A 517 -14.35 -15.02 -29.99
CA HIS A 517 -14.46 -13.57 -29.79
C HIS A 517 -13.14 -12.91 -29.35
N ILE A 518 -12.50 -13.49 -28.35
CA ILE A 518 -11.20 -13.08 -27.85
C ILE A 518 -10.14 -13.10 -28.94
N LYS A 519 -10.08 -14.17 -29.74
CA LYS A 519 -9.15 -14.20 -30.87
C LYS A 519 -9.41 -13.07 -31.84
N ARG A 520 -10.68 -12.86 -32.17
CA ARG A 520 -11.05 -11.73 -33.02
C ARG A 520 -10.54 -10.43 -32.41
N MET A 521 -10.73 -10.27 -31.10
CA MET A 521 -10.37 -9.06 -30.39
C MET A 521 -8.87 -8.78 -30.55
N GLN A 522 -8.05 -9.81 -30.44
CA GLN A 522 -6.63 -9.67 -30.72
C GLN A 522 -6.38 -9.33 -32.22
N GLU A 523 -7.10 -9.99 -33.12
CA GLU A 523 -6.96 -9.74 -34.54
C GLU A 523 -7.21 -8.25 -34.88
N VAL A 524 -8.23 -7.65 -34.26
CA VAL A 524 -8.64 -6.29 -34.64
C VAL A 524 -8.08 -5.20 -33.70
N TYR A 525 -7.94 -5.51 -32.42
CA TYR A 525 -7.45 -4.50 -31.50
C TYR A 525 -5.95 -4.63 -31.15
N ASN A 526 -5.32 -5.76 -31.47
CA ASN A 526 -3.92 -6.04 -31.11
C ASN A 526 -3.64 -5.62 -29.64
N PHE A 527 -4.44 -6.14 -28.70
CA PHE A 527 -4.19 -5.90 -27.28
C PHE A 527 -2.85 -6.48 -26.74
N ASN A 528 -2.37 -7.55 -27.37
CA ASN A 528 -1.08 -8.14 -26.99
C ASN A 528 0.06 -7.14 -27.04
N ALA A 529 -0.06 -6.12 -27.86
CA ALA A 529 1.05 -5.16 -28.03
C ALA A 529 1.01 -3.98 -27.04
N ILE A 530 -0.06 -3.86 -26.26
CA ILE A 530 -0.15 -2.77 -25.26
C ILE A 530 0.64 -3.12 -23.98
N ASN A 531 1.54 -2.23 -23.60
CA ASN A 531 2.41 -2.46 -22.45
C ASN A 531 1.93 -1.79 -21.17
N ASN A 532 0.92 -0.91 -21.27
CA ASN A 532 0.19 -0.42 -20.11
C ASN A 532 -0.21 -1.61 -19.18
N SER A 533 0.28 -1.58 -17.94
CA SER A 533 0.15 -2.74 -17.01
C SER A 533 -1.29 -3.03 -16.58
N GLU A 534 -2.09 -1.98 -16.39
CA GLU A 534 -3.52 -2.14 -16.10
C GLU A 534 -4.30 -2.79 -17.26
N ILE A 535 -4.14 -2.25 -18.46
CA ILE A 535 -4.75 -2.79 -19.68
C ILE A 535 -4.29 -4.23 -19.93
N ARG A 536 -2.99 -4.48 -19.90
CA ARG A 536 -2.47 -5.80 -20.24
C ARG A 536 -2.92 -6.84 -19.20
N PHE A 537 -2.79 -6.49 -17.92
CA PHE A 537 -3.37 -7.28 -16.82
C PHE A 537 -4.81 -7.79 -17.11
N ARG A 538 -5.74 -6.84 -17.31
CA ARG A 538 -7.13 -7.18 -17.53
C ARG A 538 -7.36 -7.98 -18.82
N TRP A 539 -6.61 -7.65 -19.88
CA TRP A 539 -6.70 -8.34 -21.17
C TRP A 539 -6.20 -9.78 -21.05
N LEU A 540 -5.12 -9.99 -20.33
CA LEU A 540 -4.62 -11.35 -20.18
C LEU A 540 -5.55 -12.18 -19.29
N ARG A 541 -6.10 -11.58 -18.24
CA ARG A 541 -7.10 -12.27 -17.43
C ARG A 541 -8.28 -12.76 -18.31
N LEU A 542 -8.71 -11.90 -19.24
CA LEU A 542 -9.84 -12.19 -20.11
C LEU A 542 -9.50 -13.34 -21.07
N CYS A 543 -8.30 -13.32 -21.63
CA CYS A 543 -7.79 -14.44 -22.41
C CYS A 543 -7.70 -15.81 -21.71
N ILE A 544 -7.23 -15.80 -20.47
CA ILE A 544 -7.05 -17.03 -19.68
C ILE A 544 -8.38 -17.58 -19.20
N GLN A 545 -9.25 -16.68 -18.75
CA GLN A 545 -10.59 -17.06 -18.35
C GLN A 545 -11.42 -17.55 -19.55
N SER A 546 -11.05 -17.14 -20.76
CA SER A 546 -11.79 -17.52 -21.96
C SER A 546 -11.12 -18.69 -22.66
N LYS A 547 -10.13 -19.26 -21.96
CA LYS A 547 -9.42 -20.49 -22.33
C LYS A 547 -8.58 -20.36 -23.61
N TRP A 548 -7.89 -19.23 -23.76
CA TRP A 548 -7.00 -19.05 -24.88
C TRP A 548 -5.57 -19.45 -24.50
N GLU A 549 -5.14 -20.62 -24.98
CA GLU A 549 -3.83 -21.21 -24.69
C GLU A 549 -2.62 -20.36 -25.10
N ASP A 550 -2.79 -19.58 -26.17
CA ASP A 550 -1.71 -18.67 -26.63
C ASP A 550 -1.39 -17.65 -25.53
N ALA A 551 -2.41 -17.29 -24.75
CA ALA A 551 -2.22 -16.32 -23.68
C ALA A 551 -1.49 -16.87 -22.44
N ILE A 552 -1.31 -18.20 -22.35
CA ILE A 552 -0.68 -18.84 -21.18
C ILE A 552 0.77 -18.41 -20.91
N PRO A 553 1.63 -18.42 -21.94
CA PRO A 553 2.99 -17.97 -21.64
C PRO A 553 3.09 -16.44 -21.41
N LEU A 554 2.20 -15.66 -22.02
CA LEU A 554 2.11 -14.23 -21.75
C LEU A 554 1.70 -13.94 -20.31
N ALA A 555 0.72 -14.69 -19.80
CA ALA A 555 0.25 -14.50 -18.41
C ALA A 555 1.25 -15.04 -17.36
N LEU A 556 1.97 -16.12 -17.70
CA LEU A 556 3.03 -16.65 -16.80
C LEU A 556 4.15 -15.59 -16.68
N LYS A 557 4.49 -15.01 -17.83
CA LYS A 557 5.57 -14.05 -17.94
C LYS A 557 5.28 -12.76 -17.19
N MET A 558 4.08 -12.22 -17.33
CA MET A 558 3.71 -11.04 -16.57
C MET A 558 3.60 -11.32 -15.06
N ALA A 559 3.14 -12.52 -14.67
CA ALA A 559 2.95 -12.82 -13.24
C ALA A 559 4.26 -12.85 -12.47
N THR A 560 5.33 -13.22 -13.18
CA THR A 560 6.62 -13.45 -12.56
C THR A 560 7.65 -12.36 -12.90
N GLU A 561 7.42 -11.57 -13.95
CA GLU A 561 8.38 -10.48 -14.30
C GLU A 561 8.23 -9.21 -13.47
N GLN A 562 7.04 -9.01 -12.93
CA GLN A 562 6.82 -8.09 -11.84
C GLN A 562 6.10 -8.87 -10.70
N GLY A 563 6.03 -8.26 -9.52
CA GLY A 563 5.42 -8.89 -8.38
C GLY A 563 4.36 -8.06 -7.69
N ARG A 564 3.87 -7.02 -8.36
CA ARG A 564 2.77 -6.24 -7.81
C ARG A 564 1.60 -7.16 -7.64
N MET A 565 1.20 -7.38 -6.38
CA MET A 565 0.18 -8.40 -6.06
C MET A 565 -1.19 -8.13 -6.68
N LYS A 566 -1.47 -6.86 -6.97
CA LYS A 566 -2.74 -6.49 -7.69
C LYS A 566 -2.84 -7.28 -8.99
N PHE A 567 -1.69 -7.52 -9.62
CA PHE A 567 -1.59 -8.24 -10.87
C PHE A 567 -1.14 -9.72 -10.72
N THR A 568 -0.08 -9.95 -9.95
CA THR A 568 0.48 -11.30 -9.79
C THR A 568 -0.48 -12.28 -9.10
N ARG A 569 -1.27 -11.85 -8.11
CA ARG A 569 -2.17 -12.80 -7.47
C ARG A 569 -3.33 -13.32 -8.34
N PRO A 570 -4.05 -12.44 -9.05
CA PRO A 570 -5.13 -12.97 -9.89
C PRO A 570 -4.64 -13.66 -11.17
N LEU A 571 -3.52 -13.23 -11.72
CA LEU A 571 -2.95 -13.93 -12.86
C LEU A 571 -2.59 -15.39 -12.49
N PHE A 572 -1.87 -15.61 -11.38
CA PHE A 572 -1.60 -16.96 -10.92
C PHE A 572 -2.91 -17.74 -10.66
N LYS A 573 -3.85 -17.12 -9.95
CA LYS A 573 -5.14 -17.76 -9.67
C LYS A 573 -5.92 -18.15 -10.94
N ASP A 574 -5.87 -17.30 -11.97
CA ASP A 574 -6.55 -17.58 -13.24
C ASP A 574 -5.90 -18.78 -13.96
N LEU A 575 -4.57 -18.75 -13.99
CA LEU A 575 -3.75 -19.79 -14.54
C LEU A 575 -3.94 -21.16 -13.85
N ALA A 576 -4.23 -21.17 -12.54
CA ALA A 576 -4.42 -22.43 -11.85
C ALA A 576 -5.84 -22.95 -12.06
N ALA A 577 -6.78 -22.03 -12.30
CA ALA A 577 -8.17 -22.40 -12.59
C ALA A 577 -8.33 -22.93 -14.03
N PHE A 578 -7.43 -22.53 -14.92
CA PHE A 578 -7.43 -23.03 -16.29
C PHE A 578 -6.71 -24.39 -16.29
N ASP A 579 -7.42 -25.45 -16.68
CA ASP A 579 -6.83 -26.78 -16.59
C ASP A 579 -5.55 -26.98 -17.42
N LYS A 580 -5.50 -26.37 -18.60
CA LYS A 580 -4.36 -26.47 -19.51
C LYS A 580 -3.08 -25.78 -18.99
N SER A 581 -3.25 -24.82 -18.09
CA SER A 581 -2.11 -24.13 -17.49
C SER A 581 -1.89 -24.45 -16.00
N HIS A 582 -2.78 -25.23 -15.38
CA HIS A 582 -2.72 -25.46 -13.93
C HIS A 582 -1.33 -25.91 -13.45
N ASP A 583 -0.84 -27.03 -13.99
CA ASP A 583 0.44 -27.58 -13.53
C ASP A 583 1.59 -26.61 -13.74
N GLN A 584 1.56 -25.87 -14.84
CA GLN A 584 2.56 -24.86 -15.15
C GLN A 584 2.57 -23.76 -14.12
N ALA A 585 1.38 -23.27 -13.78
CA ALA A 585 1.21 -22.26 -12.74
C ALA A 585 1.85 -22.68 -11.41
N VAL A 586 1.54 -23.90 -10.93
CA VAL A 586 2.14 -24.35 -9.66
C VAL A 586 3.65 -24.65 -9.78
N ARG A 587 4.05 -25.19 -10.92
CA ARG A 587 5.46 -25.37 -11.30
C ARG A 587 6.21 -24.04 -11.20
N THR A 588 5.65 -23.00 -11.80
CA THR A 588 6.27 -21.69 -11.88
C THR A 588 6.37 -21.09 -10.48
N TYR A 589 5.29 -21.18 -9.72
CA TYR A 589 5.31 -20.67 -8.35
C TYR A 589 6.41 -21.36 -7.52
N GLN A 590 6.52 -22.68 -7.65
CA GLN A 590 7.47 -23.47 -6.87
C GLN A 590 8.91 -23.08 -7.20
N GLU A 591 9.20 -22.90 -8.47
CA GLU A 591 10.50 -22.41 -8.94
C GLU A 591 10.86 -20.99 -8.46
N HIS A 592 9.88 -20.09 -8.43
CA HIS A 592 10.14 -18.66 -8.08
C HIS A 592 9.98 -18.32 -6.59
N LYS A 593 9.25 -19.14 -5.89
CA LYS A 593 8.98 -19.01 -4.45
C LYS A 593 10.16 -18.45 -3.64
N ALA A 594 11.34 -19.10 -3.68
CA ALA A 594 12.53 -18.69 -2.89
C ALA A 594 13.02 -17.25 -3.17
N SER A 595 12.81 -16.77 -4.38
CA SER A 595 13.29 -15.45 -4.77
C SER A 595 12.15 -14.43 -4.85
N MET A 596 10.99 -14.78 -4.30
CA MET A 596 9.83 -13.91 -4.28
C MET A 596 9.79 -13.08 -3.00
N HIS A 597 8.97 -12.03 -2.98
CA HIS A 597 8.75 -11.29 -1.75
C HIS A 597 8.06 -12.21 -0.73
N PRO A 598 8.53 -12.20 0.53
CA PRO A 598 8.01 -13.15 1.53
C PRO A 598 6.49 -13.17 1.69
N VAL A 599 5.85 -12.00 1.64
CA VAL A 599 4.42 -11.89 1.80
C VAL A 599 3.75 -12.31 0.49
N THR A 600 4.32 -11.88 -0.64
CA THR A 600 3.82 -12.30 -1.93
C THR A 600 3.83 -13.82 -2.03
N ALA A 601 4.96 -14.45 -1.70
CA ALA A 601 5.10 -15.90 -1.72
C ALA A 601 4.05 -16.56 -0.84
N MET A 602 3.81 -15.98 0.33
CA MET A 602 2.83 -16.52 1.26
C MET A 602 1.44 -16.47 0.64
N LEU A 603 1.05 -15.32 0.09
CA LEU A 603 -0.34 -15.17 -0.35
C LEU A 603 -0.62 -15.96 -1.64
N VAL A 604 0.36 -16.01 -2.55
CA VAL A 604 0.20 -16.76 -3.79
C VAL A 604 0.08 -18.25 -3.48
N GLY A 605 0.96 -18.74 -2.62
CA GLY A 605 0.81 -20.11 -2.10
C GLY A 605 -0.56 -20.46 -1.53
N LYS A 606 -1.13 -19.61 -0.69
CA LYS A 606 -2.47 -19.80 -0.17
C LYS A 606 -3.54 -19.80 -1.28
N ASP A 607 -3.39 -18.88 -2.24
CA ASP A 607 -4.30 -18.71 -3.39
C ASP A 607 -4.30 -19.98 -4.25
N LEU A 608 -3.12 -20.58 -4.43
CA LEU A 608 -2.94 -21.79 -5.23
C LEU A 608 -3.12 -23.09 -4.40
N LYS A 609 -3.32 -22.93 -3.09
CA LYS A 609 -3.41 -24.07 -2.17
C LYS A 609 -2.15 -24.94 -2.26
N VAL A 610 -0.98 -24.30 -2.29
CA VAL A 610 0.30 -25.01 -2.36
C VAL A 610 1.06 -25.01 -1.02
N ASP A 611 1.75 -26.14 -0.79
CA ASP A 611 2.54 -26.47 0.44
C ASP A 611 1.75 -27.07 1.64
#